data_3IRJ
#
_entry.id   3IRJ
#
_cell.length_a   1
_cell.length_b   1
_cell.length_c   1
_cell.angle_alpha   90.0
_cell.angle_beta   90.0
_cell.angle_gamma   90.0
#
_symmetry.space_group_name_H-M   'P 1'
#